data_5U1W
#
_entry.id   5U1W
#
_cell.length_a   170.736
_cell.length_b   170.736
_cell.length_c   170.736
_cell.angle_alpha   90.000
_cell.angle_beta   90.000
_cell.angle_gamma   90.000
#
_symmetry.space_group_name_H-M   'I 21 3'
#
loop_
_entity.id
_entity.type
_entity.pdbx_description
1 polymer 'P2X purinoceptor'
2 branched 2-acetamido-2-deoxy-beta-D-glucopyranose-(1-4)-2-acetamido-2-deoxy-beta-D-glucopyranose
3 non-polymer 2-acetamido-2-deoxy-beta-D-glucopyranose
4 non-polymer N-[2-({2-[(2-hydroxyethyl)amino]ethyl}amino)quinolin-5-yl]-2-[(3s,5s,7s)-tricyclo[3.3.1.1~3,7~]decan-1-yl]acetamide
#
_entity_poly.entity_id   1
_entity_poly.type   'polypeptide(L)'
_entity_poly.pdbx_seq_one_letter_code
;GSSTNYGTIKWIFHALVFSYISFALISDKRYQKKEPLISSVHTKVKGIAEVKAEILENGMKKMVSGVFDTADYTFPLQGN
SFFVMTNFIKTEGQQQGLCPDFPTARTICSSDRGCKKGRMDPQSKGIQTGRCVVYKERLKTCEVSAWCPIEEVKDAPRPA
LLNSAENFTVLIKNNIDFPGHNYTTRNILPGVNITCTFHKTQNPQCPIFRLGDIFQETGDSFSDVAIQGGIMGIEIYWDC
NLDGWFHHCRPKYSFRRLDDKTTSESLYPGYNFRYAKYYKENNVEKRTLIKVFGIRFDILVFGTGGKFNVIQLAVYIGSV
ISYFGLATVFIDILINTYSASS
;
_entity_poly.pdbx_strand_id   A
#
# COMPACT_ATOMS: atom_id res chain seq x y z
N TRP A 11 37.42 -13.67 -42.79
CA TRP A 11 37.41 -14.98 -42.15
C TRP A 11 36.01 -15.29 -41.57
N ILE A 12 35.91 -16.43 -40.87
CA ILE A 12 34.61 -16.85 -40.32
C ILE A 12 34.28 -16.09 -39.05
N PHE A 13 35.29 -15.83 -38.20
CA PHE A 13 35.06 -15.08 -36.97
C PHE A 13 34.44 -13.72 -37.23
N HIS A 14 34.47 -13.25 -38.49
CA HIS A 14 34.00 -11.93 -38.86
C HIS A 14 32.52 -11.94 -39.20
N ALA A 15 32.09 -12.88 -40.03
CA ALA A 15 30.67 -13.13 -40.18
C ALA A 15 30.05 -13.49 -38.84
N LEU A 16 30.82 -14.12 -37.94
CA LEU A 16 30.37 -14.35 -36.57
C LEU A 16 30.31 -13.10 -35.71
N VAL A 17 31.22 -12.13 -35.94
CA VAL A 17 31.16 -10.86 -35.19
C VAL A 17 29.97 -10.03 -35.68
N PHE A 18 29.87 -9.82 -37.00
CA PHE A 18 28.67 -9.26 -37.60
C PHE A 18 27.39 -9.90 -37.07
N SER A 19 27.38 -11.24 -37.01
CA SER A 19 26.19 -11.96 -36.56
C SER A 19 25.91 -11.75 -35.08
N TYR A 20 26.95 -11.62 -34.26
CA TYR A 20 26.73 -11.38 -32.83
C TYR A 20 26.22 -9.97 -32.60
N ILE A 21 26.81 -9.00 -33.28
CA ILE A 21 26.34 -7.62 -33.20
C ILE A 21 24.88 -7.51 -33.65
N SER A 22 24.59 -7.95 -34.87
CA SER A 22 23.21 -7.92 -35.38
C SER A 22 22.27 -8.72 -34.49
N PHE A 23 22.75 -9.81 -33.89
CA PHE A 23 21.90 -10.55 -32.97
C PHE A 23 21.54 -9.71 -31.75
N ALA A 24 22.55 -9.13 -31.09
CA ALA A 24 22.28 -8.25 -29.96
C ALA A 24 21.36 -7.11 -30.36
N LEU A 25 21.41 -6.69 -31.63
CA LEU A 25 20.49 -5.67 -32.11
C LEU A 25 19.06 -6.20 -32.12
N ILE A 26 18.86 -7.35 -32.75
CA ILE A 26 17.51 -7.84 -33.00
C ILE A 26 16.85 -8.33 -31.71
N SER A 27 17.62 -8.91 -30.80
CA SER A 27 17.13 -9.48 -29.55
C SER A 27 17.04 -8.43 -28.44
N ASP A 28 18.11 -7.68 -28.19
CA ASP A 28 18.08 -6.60 -27.23
C ASP A 28 17.35 -5.37 -27.77
N LYS A 29 16.72 -5.48 -28.94
CA LYS A 29 15.86 -4.41 -29.47
C LYS A 29 16.59 -3.08 -29.61
N ARG A 30 17.86 -3.14 -30.05
CA ARG A 30 18.65 -1.93 -30.19
C ARG A 30 18.15 -1.02 -31.30
N TYR A 31 17.44 -1.57 -32.29
CA TYR A 31 16.95 -0.74 -33.39
C TYR A 31 15.79 0.14 -32.97
N GLN A 32 15.06 -0.27 -31.94
CA GLN A 32 13.85 0.44 -31.53
C GLN A 32 14.20 1.61 -30.63
N LYS A 33 13.35 2.64 -30.70
CA LYS A 33 13.37 3.75 -29.76
C LYS A 33 12.40 3.46 -28.63
N LYS A 34 12.84 3.75 -27.40
CA LYS A 34 12.13 3.41 -26.19
C LYS A 34 11.60 4.68 -25.54
N GLU A 35 10.29 4.70 -25.30
CA GLU A 35 9.63 5.82 -24.69
C GLU A 35 9.04 5.41 -23.34
N PRO A 36 9.07 6.29 -22.35
CA PRO A 36 8.53 5.95 -21.03
C PRO A 36 7.01 6.00 -21.03
N LEU A 37 6.43 5.19 -20.14
CA LEU A 37 4.99 5.00 -20.12
C LEU A 37 4.33 5.97 -19.14
N ILE A 38 3.08 6.31 -19.45
CA ILE A 38 2.28 7.24 -18.68
C ILE A 38 0.98 6.55 -18.32
N SER A 39 0.67 6.50 -17.02
CA SER A 39 -0.47 5.73 -16.54
C SER A 39 -1.33 6.56 -15.60
N SER A 40 -2.65 6.39 -15.73
CA SER A 40 -3.62 6.83 -14.74
C SER A 40 -4.45 5.62 -14.32
N VAL A 41 -4.79 5.56 -13.05
CA VAL A 41 -5.39 4.36 -12.46
C VAL A 41 -6.77 4.71 -11.92
N HIS A 42 -7.73 3.81 -12.15
CA HIS A 42 -9.06 3.91 -11.59
C HIS A 42 -9.50 2.53 -11.11
N THR A 43 -9.62 2.36 -9.79
CA THR A 43 -10.01 1.09 -9.22
C THR A 43 -11.33 1.21 -8.49
N LYS A 44 -12.14 0.16 -8.58
CA LYS A 44 -13.39 0.05 -7.85
C LYS A 44 -13.35 -1.20 -7.00
N VAL A 45 -13.64 -1.04 -5.72
CA VAL A 45 -13.63 -2.13 -4.76
C VAL A 45 -15.06 -2.64 -4.58
N LYS A 46 -15.20 -3.95 -4.41
CA LYS A 46 -16.49 -4.60 -4.27
C LYS A 46 -16.38 -5.69 -3.22
N GLY A 47 -17.48 -5.92 -2.52
CA GLY A 47 -17.51 -6.87 -1.42
C GLY A 47 -17.81 -6.19 -0.10
N ILE A 48 -18.52 -6.90 0.78
CA ILE A 48 -18.91 -6.39 2.09
C ILE A 48 -18.49 -7.40 3.14
N ALA A 49 -18.54 -6.98 4.41
CA ALA A 49 -18.10 -7.85 5.50
C ALA A 49 -19.04 -7.70 6.69
N GLU A 50 -19.45 -8.83 7.26
CA GLU A 50 -20.28 -8.84 8.46
C GLU A 50 -19.40 -9.10 9.67
N VAL A 51 -19.60 -8.33 10.73
CA VAL A 51 -18.72 -8.35 11.89
C VAL A 51 -19.54 -8.56 13.15
N LYS A 52 -19.29 -9.67 13.83
CA LYS A 52 -19.77 -9.92 15.19
C LYS A 52 -18.56 -10.30 16.04
N ALA A 53 -18.20 -9.44 16.99
CA ALA A 53 -17.02 -9.65 17.81
C ALA A 53 -17.22 -8.99 19.16
N GLU A 54 -16.44 -9.43 20.14
CA GLU A 54 -16.52 -8.93 21.51
C GLU A 54 -15.18 -8.28 21.85
N ILE A 55 -15.20 -6.96 22.05
CA ILE A 55 -13.99 -6.19 22.32
C ILE A 55 -14.09 -5.62 23.72
N LEU A 56 -12.99 -5.66 24.46
CA LEU A 56 -12.94 -5.18 25.83
C LEU A 56 -12.52 -3.71 25.83
N GLU A 57 -13.39 -2.84 26.34
CA GLU A 57 -13.10 -1.43 26.56
C GLU A 57 -13.04 -1.17 28.05
N ASN A 58 -11.87 -0.76 28.54
CA ASN A 58 -11.69 -0.34 29.93
C ASN A 58 -12.08 -1.47 30.90
N GLY A 59 -11.73 -2.70 30.53
CA GLY A 59 -12.05 -3.84 31.35
C GLY A 59 -13.49 -4.32 31.28
N MET A 60 -14.30 -3.73 30.41
CA MET A 60 -15.71 -4.09 30.25
C MET A 60 -15.94 -4.65 28.87
N LYS A 61 -16.59 -5.82 28.80
CA LYS A 61 -16.89 -6.42 27.51
C LYS A 61 -17.95 -5.61 26.78
N LYS A 62 -17.70 -5.40 25.47
CA LYS A 62 -18.62 -4.67 24.61
C LYS A 62 -18.78 -5.45 23.30
N MET A 63 -19.96 -5.33 22.70
CA MET A 63 -20.33 -6.14 21.55
C MET A 63 -20.31 -5.28 20.30
N VAL A 64 -19.29 -5.47 19.46
CA VAL A 64 -19.20 -4.80 18.16
C VAL A 64 -19.85 -5.71 17.14
N SER A 65 -21.01 -5.30 16.63
CA SER A 65 -21.72 -6.04 15.60
C SER A 65 -22.11 -5.08 14.49
N GLY A 66 -22.45 -5.66 13.33
CA GLY A 66 -22.90 -4.84 12.22
C GLY A 66 -22.31 -5.23 10.88
N VAL A 67 -22.75 -4.59 9.81
CA VAL A 67 -22.30 -4.89 8.45
C VAL A 67 -21.57 -3.69 7.91
N PHE A 68 -20.46 -3.94 7.21
CA PHE A 68 -19.61 -2.91 6.63
C PHE A 68 -19.64 -3.05 5.12
N ASP A 69 -20.04 -1.98 4.44
CA ASP A 69 -20.11 -1.91 2.99
C ASP A 69 -19.00 -1.00 2.47
N THR A 70 -19.04 -0.72 1.16
CA THR A 70 -17.98 0.04 0.51
C THR A 70 -17.66 1.34 1.26
N ALA A 71 -18.67 2.16 1.49
CA ALA A 71 -18.44 3.43 2.18
C ALA A 71 -17.93 3.27 3.61
N ASP A 72 -18.15 2.11 4.22
CA ASP A 72 -17.79 1.93 5.63
C ASP A 72 -16.31 1.63 5.82
N TYR A 73 -15.63 1.07 4.81
CA TYR A 73 -14.26 0.65 4.98
C TYR A 73 -13.28 1.21 3.97
N THR A 74 -13.72 1.87 2.90
CA THR A 74 -12.79 2.36 1.90
C THR A 74 -13.24 3.70 1.35
N PHE A 75 -12.28 4.39 0.73
CA PHE A 75 -12.36 5.70 0.12
C PHE A 75 -11.73 5.59 -1.26
N PRO A 76 -12.23 6.32 -2.26
CA PRO A 76 -11.66 6.18 -3.61
C PRO A 76 -10.18 6.52 -3.64
N LEU A 77 -9.46 5.83 -4.52
CA LEU A 77 -8.00 5.99 -4.56
C LEU A 77 -7.65 7.39 -5.04
N GLN A 78 -6.53 7.89 -4.52
CA GLN A 78 -5.94 9.14 -4.98
C GLN A 78 -4.43 8.99 -4.85
N GLY A 79 -3.72 9.42 -5.90
CA GLY A 79 -2.29 9.20 -5.93
C GLY A 79 -1.89 7.77 -6.22
N ASN A 80 -2.69 7.06 -7.01
CA ASN A 80 -2.39 5.69 -7.44
C ASN A 80 -2.26 4.73 -6.26
N SER A 81 -3.14 4.88 -5.27
CA SER A 81 -3.13 4.01 -4.11
C SER A 81 -4.48 4.07 -3.42
N PHE A 82 -5.04 2.91 -3.09
CA PHE A 82 -6.29 2.83 -2.33
C PHE A 82 -6.06 2.01 -1.08
N PHE A 83 -6.88 2.27 -0.06
CA PHE A 83 -6.73 1.66 1.24
C PHE A 83 -8.03 0.97 1.65
N VAL A 84 -7.90 -0.13 2.38
CA VAL A 84 -9.04 -0.87 2.90
C VAL A 84 -8.81 -1.13 4.38
N MET A 85 -9.70 -0.61 5.22
CA MET A 85 -9.61 -0.84 6.65
C MET A 85 -9.93 -2.30 6.96
N THR A 86 -9.05 -2.96 7.70
CA THR A 86 -9.27 -4.35 8.08
C THR A 86 -9.50 -4.54 9.57
N ASN A 87 -9.18 -3.55 10.39
CA ASN A 87 -9.39 -3.65 11.84
C ASN A 87 -9.40 -2.24 12.40
N PHE A 88 -9.97 -2.08 13.58
CA PHE A 88 -10.08 -0.74 14.14
C PHE A 88 -10.25 -0.81 15.65
N ILE A 89 -9.90 0.30 16.30
CA ILE A 89 -10.11 0.49 17.73
C ILE A 89 -10.80 1.83 17.91
N LYS A 90 -11.88 1.86 18.67
CA LYS A 90 -12.71 3.05 18.79
C LYS A 90 -12.75 3.54 20.24
N THR A 91 -12.44 4.81 20.43
CA THR A 91 -12.49 5.48 21.73
C THR A 91 -13.42 6.66 21.62
N GLU A 92 -14.51 6.65 22.37
CA GLU A 92 -15.60 7.60 22.19
C GLU A 92 -15.72 8.54 23.39
N GLY A 93 -16.25 9.73 23.13
CA GLY A 93 -16.63 10.65 24.18
C GLY A 93 -15.56 11.62 24.63
N GLN A 94 -14.43 11.70 23.93
CA GLN A 94 -13.33 12.55 24.36
C GLN A 94 -13.75 14.02 24.36
N GLN A 95 -13.23 14.76 25.33
CA GLN A 95 -13.41 16.20 25.39
C GLN A 95 -12.18 16.84 26.00
N GLN A 96 -11.99 18.13 25.70
CA GLN A 96 -10.83 18.85 26.23
C GLN A 96 -10.85 18.87 27.76
N GLY A 97 -9.75 18.47 28.36
CA GLY A 97 -9.69 18.49 29.81
C GLY A 97 -8.37 17.98 30.36
N LEU A 98 -8.41 17.69 31.66
CA LEU A 98 -7.26 17.23 32.43
C LEU A 98 -7.54 15.82 32.91
N CYS A 99 -6.61 14.90 32.66
CA CYS A 99 -6.83 13.52 33.05
C CYS A 99 -5.48 12.84 33.22
N PRO A 100 -5.41 11.77 34.02
CA PRO A 100 -4.15 11.04 34.15
C PRO A 100 -3.87 10.21 32.91
N ASP A 101 -2.60 10.21 32.50
CA ASP A 101 -2.18 9.47 31.33
C ASP A 101 -2.38 7.98 31.55
N PHE A 102 -2.50 7.24 30.45
CA PHE A 102 -2.67 5.79 30.54
C PHE A 102 -1.40 5.16 31.11
N PRO A 103 -1.52 4.17 32.00
CA PRO A 103 -0.33 3.63 32.65
C PRO A 103 0.59 2.92 31.67
N THR A 104 1.83 3.36 31.64
CA THR A 104 2.84 2.80 30.76
C THR A 104 4.15 2.77 31.53
N ALA A 105 5.18 2.20 30.92
CA ALA A 105 6.49 2.15 31.54
C ALA A 105 7.04 3.55 31.78
N ARG A 106 6.56 4.53 31.00
CA ARG A 106 7.03 5.90 31.07
C ARG A 106 6.06 6.85 31.78
N THR A 107 4.86 6.39 32.14
CA THR A 107 3.85 7.28 32.70
C THR A 107 3.54 7.06 34.16
N ILE A 108 4.11 6.03 34.80
CA ILE A 108 3.80 5.74 36.19
C ILE A 108 4.60 6.68 37.08
N CYS A 109 3.94 7.23 38.10
CA CYS A 109 4.55 8.18 39.02
C CYS A 109 4.39 7.71 40.46
N SER A 110 5.47 7.85 41.24
CA SER A 110 5.40 7.58 42.67
C SER A 110 4.86 8.78 43.43
N SER A 111 5.30 9.97 43.06
CA SER A 111 4.90 11.20 43.74
C SER A 111 4.87 12.32 42.71
N ASP A 112 4.44 13.50 43.16
CA ASP A 112 4.38 14.65 42.26
C ASP A 112 5.78 15.00 41.76
N ARG A 113 6.83 14.58 42.48
CA ARG A 113 8.18 14.90 42.05
C ARG A 113 8.53 14.14 40.77
N GLY A 114 7.87 13.00 40.52
CA GLY A 114 8.17 12.25 39.31
C GLY A 114 7.65 12.90 38.05
N CYS A 115 6.57 13.68 38.16
CA CYS A 115 5.98 14.36 37.03
C CYS A 115 6.57 15.76 36.89
N LYS A 116 6.70 16.21 35.65
CA LYS A 116 7.24 17.51 35.31
C LYS A 116 6.20 18.29 34.51
N LYS A 117 5.85 19.48 35.01
CA LYS A 117 4.82 20.29 34.37
C LYS A 117 5.28 20.76 33.00
N GLY A 118 4.38 20.67 32.02
CA GLY A 118 4.69 21.07 30.66
C GLY A 118 5.49 20.06 29.86
N ARG A 119 5.76 18.88 30.41
CA ARG A 119 6.57 17.90 29.70
C ARG A 119 5.78 17.28 28.57
N MET A 120 6.49 16.92 27.50
CA MET A 120 5.93 16.25 26.34
C MET A 120 6.72 15.00 26.05
N ASP A 121 6.02 13.88 25.84
CA ASP A 121 6.69 12.62 25.58
C ASP A 121 6.17 12.04 24.27
N PRO A 122 7.05 11.43 23.46
CA PRO A 122 6.60 10.92 22.14
C PRO A 122 5.46 9.92 22.23
N GLN A 123 5.44 9.08 23.26
CA GLN A 123 4.35 8.12 23.39
C GLN A 123 3.06 8.77 23.88
N SER A 124 3.17 9.76 24.76
CA SER A 124 1.99 10.41 25.32
C SER A 124 1.29 11.27 24.27
N LYS A 125 0.01 11.56 24.52
CA LYS A 125 -0.80 12.38 23.64
C LYS A 125 -1.23 13.69 24.29
N GLY A 126 -0.60 14.05 25.41
CA GLY A 126 -0.98 15.25 26.13
C GLY A 126 0.21 15.90 26.79
N ILE A 127 -0.02 17.13 27.26
CA ILE A 127 0.99 17.91 27.96
C ILE A 127 0.78 17.76 29.45
N GLN A 128 1.84 17.38 30.15
CA GLN A 128 1.75 17.11 31.58
C GLN A 128 1.51 18.40 32.38
N THR A 129 0.90 18.24 33.55
CA THR A 129 0.70 19.34 34.49
C THR A 129 1.55 19.19 35.74
N GLY A 130 2.47 18.22 35.76
CA GLY A 130 3.38 18.08 36.87
C GLY A 130 2.75 17.56 38.15
N ARG A 131 1.65 16.82 38.05
CA ARG A 131 0.97 16.28 39.21
C ARG A 131 0.84 14.77 39.07
N CYS A 132 1.03 14.07 40.18
CA CYS A 132 0.91 12.63 40.26
C CYS A 132 -0.47 12.30 40.82
N VAL A 133 -1.30 11.61 40.02
CA VAL A 133 -2.65 11.28 40.45
C VAL A 133 -2.96 9.83 40.15
N VAL A 134 -3.94 9.29 40.87
CA VAL A 134 -4.31 7.88 40.68
C VAL A 134 -5.05 7.72 39.36
N TYR A 135 -4.82 6.58 38.72
CA TYR A 135 -5.54 6.18 37.51
C TYR A 135 -6.58 5.11 37.82
N LYS A 136 -6.19 4.06 38.55
CA LYS A 136 -7.09 3.00 38.95
C LYS A 136 -6.55 2.36 40.22
N GLU A 137 -7.40 2.24 41.23
CA GLU A 137 -7.05 1.65 42.52
C GLU A 137 -5.93 2.48 43.13
N ARG A 138 -4.76 1.93 43.40
CA ARG A 138 -3.63 2.68 43.94
C ARG A 138 -2.55 2.96 42.90
N LEU A 139 -2.73 2.53 41.66
CA LEU A 139 -1.76 2.83 40.61
C LEU A 139 -1.86 4.31 40.25
N LYS A 140 -0.71 4.97 40.15
CA LYS A 140 -0.66 6.42 39.90
C LYS A 140 0.08 6.70 38.60
N THR A 141 -0.46 7.60 37.81
CA THR A 141 0.18 8.11 36.60
C THR A 141 0.25 9.64 36.65
N CYS A 142 1.00 10.19 35.70
CA CYS A 142 1.19 11.63 35.62
C CYS A 142 -0.03 12.27 34.97
N GLU A 143 -0.41 13.43 35.48
CA GLU A 143 -1.59 14.13 34.99
C GLU A 143 -1.24 14.97 33.77
N VAL A 144 -2.13 14.93 32.75
CA VAL A 144 -1.87 15.60 31.49
C VAL A 144 -3.09 16.41 31.07
N SER A 145 -2.84 17.34 30.14
CA SER A 145 -3.87 18.19 29.54
C SER A 145 -4.06 17.75 28.09
N ALA A 146 -5.23 17.20 27.79
CA ALA A 146 -5.47 16.69 26.44
C ALA A 146 -6.95 16.33 26.28
N TRP A 147 -7.25 15.63 25.18
CA TRP A 147 -8.55 15.01 24.98
C TRP A 147 -8.69 13.82 25.95
N CYS A 148 -9.73 13.86 26.78
CA CYS A 148 -9.91 12.84 27.80
C CYS A 148 -11.22 12.08 27.57
N PRO A 149 -11.23 10.79 27.91
CA PRO A 149 -10.09 10.03 28.44
C PRO A 149 -9.09 9.63 27.36
N ILE A 150 -7.87 9.28 27.78
CA ILE A 150 -6.84 8.88 26.83
C ILE A 150 -7.11 7.46 26.35
N GLU A 151 -6.90 7.23 25.06
CA GLU A 151 -7.15 5.92 24.48
C GLU A 151 -6.28 4.86 25.15
N GLU A 152 -6.78 3.62 25.15
CA GLU A 152 -6.04 2.52 25.73
C GLU A 152 -4.81 2.19 24.89
N VAL A 153 -3.73 1.80 25.56
CA VAL A 153 -2.64 1.10 24.89
C VAL A 153 -3.03 -0.37 24.84
N LYS A 154 -3.61 -0.79 23.72
CA LYS A 154 -4.18 -2.12 23.55
C LYS A 154 -3.77 -2.66 22.19
N ASP A 155 -3.58 -3.97 22.12
CA ASP A 155 -3.36 -4.60 20.82
C ASP A 155 -4.63 -4.55 19.99
N ALA A 156 -4.46 -4.54 18.67
CA ALA A 156 -5.60 -4.70 17.78
C ALA A 156 -6.30 -6.02 18.10
N PRO A 157 -7.64 -6.06 17.98
CA PRO A 157 -8.37 -7.28 18.33
C PRO A 157 -7.75 -8.54 17.73
N ARG A 158 -7.64 -9.58 18.56
CA ARG A 158 -6.97 -10.82 18.14
C ARG A 158 -7.55 -11.40 16.86
N PRO A 159 -8.87 -11.46 16.67
CA PRO A 159 -9.38 -11.63 15.31
C PRO A 159 -9.61 -10.27 14.67
N ALA A 160 -9.00 -10.03 13.51
CA ALA A 160 -9.23 -8.79 12.79
C ALA A 160 -10.73 -8.62 12.56
N LEU A 161 -11.30 -7.54 13.08
CA LEU A 161 -12.75 -7.33 12.97
C LEU A 161 -13.24 -7.48 11.55
N LEU A 162 -12.50 -6.92 10.59
CA LEU A 162 -12.83 -7.11 9.18
C LEU A 162 -11.91 -8.15 8.55
N ASN A 163 -11.89 -9.33 9.16
CA ASN A 163 -11.05 -10.42 8.65
C ASN A 163 -11.52 -10.93 7.30
N SER A 164 -12.74 -10.57 6.88
CA SER A 164 -13.31 -11.11 5.66
C SER A 164 -12.65 -10.42 4.46
N ALA A 165 -11.70 -9.53 4.76
CA ALA A 165 -11.17 -8.64 3.74
C ALA A 165 -10.44 -9.41 2.63
N GLU A 166 -10.00 -10.64 2.89
CA GLU A 166 -9.33 -11.39 1.83
C GLU A 166 -10.30 -11.80 0.73
N ASN A 167 -11.59 -11.87 1.03
CA ASN A 167 -12.61 -12.24 0.05
C ASN A 167 -13.08 -11.08 -0.82
N PHE A 168 -12.52 -9.90 -0.63
CA PHE A 168 -12.95 -8.73 -1.38
C PHE A 168 -12.39 -8.75 -2.80
N THR A 169 -13.00 -7.94 -3.66
CA THR A 169 -12.67 -7.90 -5.07
C THR A 169 -12.26 -6.49 -5.45
N VAL A 170 -11.07 -6.33 -6.03
CA VAL A 170 -10.62 -5.05 -6.54
C VAL A 170 -10.54 -5.13 -8.06
N LEU A 171 -11.15 -4.15 -8.73
CA LEU A 171 -11.09 -4.04 -10.18
C LEU A 171 -10.22 -2.85 -10.53
N ILE A 172 -9.20 -3.10 -11.35
CA ILE A 172 -8.18 -2.11 -11.67
C ILE A 172 -8.30 -1.76 -13.15
N LYS A 173 -8.51 -0.47 -13.44
CA LYS A 173 -8.48 0.05 -14.79
C LYS A 173 -7.25 0.92 -14.96
N ASN A 174 -6.48 0.65 -16.01
CA ASN A 174 -5.22 1.32 -16.27
C ASN A 174 -5.18 1.78 -17.72
N ASN A 175 -4.97 3.09 -17.92
CA ASN A 175 -4.80 3.66 -19.24
C ASN A 175 -3.34 4.08 -19.39
N ILE A 176 -2.72 3.68 -20.50
CA ILE A 176 -1.32 3.98 -20.75
C ILE A 176 -1.22 4.69 -22.08
N ASP A 177 -0.30 5.66 -22.15
CA ASP A 177 -0.16 6.51 -23.33
C ASP A 177 1.30 6.86 -23.53
N PHE A 178 1.80 6.61 -24.74
CA PHE A 178 3.12 7.04 -25.13
C PHE A 178 3.00 8.28 -26.00
N PRO A 179 3.59 9.42 -25.59
CA PRO A 179 3.40 10.67 -26.31
C PRO A 179 4.31 10.80 -27.53
N GLY A 180 5.54 10.31 -27.42
CA GLY A 180 6.46 10.39 -28.55
C GLY A 180 5.98 9.61 -29.77
N HIS A 181 5.25 8.53 -29.56
CA HIS A 181 4.72 7.72 -30.65
C HIS A 181 3.22 7.92 -30.87
N ASN A 182 2.57 8.72 -30.03
CA ASN A 182 1.14 8.98 -30.13
C ASN A 182 0.37 7.66 -30.13
N TYR A 183 0.58 6.87 -29.08
CA TYR A 183 -0.06 5.56 -28.97
C TYR A 183 -0.76 5.47 -27.63
N THR A 184 -2.07 5.26 -27.66
CA THR A 184 -2.88 5.15 -26.46
C THR A 184 -3.53 3.77 -26.41
N THR A 185 -3.41 3.11 -25.26
CA THR A 185 -4.11 1.85 -25.04
C THR A 185 -4.50 1.76 -23.57
N ARG A 186 -5.39 0.82 -23.26
CA ARG A 186 -5.86 0.63 -21.91
C ARG A 186 -5.65 -0.82 -21.48
N ASN A 187 -5.66 -1.02 -20.16
CA ASN A 187 -5.38 -2.36 -19.62
C ASN A 187 -6.42 -3.37 -20.09
N ILE A 188 -7.68 -2.96 -20.13
CA ILE A 188 -8.78 -3.85 -20.52
C ILE A 188 -9.02 -3.65 -22.01
N LEU A 189 -8.68 -4.67 -22.80
CA LEU A 189 -8.99 -4.63 -24.22
C LEU A 189 -10.50 -4.81 -24.42
N PRO A 190 -11.06 -4.22 -25.48
CA PRO A 190 -12.51 -4.29 -25.66
C PRO A 190 -12.99 -5.70 -25.98
N GLY A 191 -14.17 -6.03 -25.47
CA GLY A 191 -14.83 -7.28 -25.78
C GLY A 191 -14.45 -8.47 -24.92
N VAL A 192 -13.57 -8.28 -23.92
CA VAL A 192 -13.14 -9.42 -23.10
C VAL A 192 -14.25 -9.80 -22.12
N ASN A 193 -14.22 -11.06 -21.70
CA ASN A 193 -15.16 -11.58 -20.71
C ASN A 193 -14.77 -11.01 -19.36
N ILE A 194 -15.57 -10.08 -18.85
CA ILE A 194 -15.20 -9.39 -17.61
C ILE A 194 -15.28 -10.32 -16.42
N THR A 195 -16.18 -11.30 -16.47
CA THR A 195 -16.43 -12.18 -15.32
C THR A 195 -15.31 -13.22 -15.23
N CYS A 196 -14.30 -12.89 -14.42
CA CYS A 196 -13.18 -13.79 -14.15
C CYS A 196 -12.51 -13.34 -12.86
N THR A 197 -11.71 -14.24 -12.29
CA THR A 197 -10.85 -13.90 -11.15
C THR A 197 -9.41 -14.08 -11.60
N PHE A 198 -8.58 -13.08 -11.33
CA PHE A 198 -7.20 -13.13 -11.79
C PHE A 198 -6.50 -14.37 -11.26
N HIS A 199 -5.76 -15.03 -12.15
CA HIS A 199 -4.95 -16.18 -11.82
C HIS A 199 -3.61 -16.01 -12.52
N LYS A 200 -2.53 -16.45 -11.89
CA LYS A 200 -1.20 -16.28 -12.47
C LYS A 200 -1.12 -16.91 -13.85
N THR A 201 -1.85 -18.00 -14.08
CA THR A 201 -1.85 -18.67 -15.37
C THR A 201 -3.23 -18.68 -16.03
N GLN A 202 -4.29 -19.01 -15.29
CA GLN A 202 -5.60 -19.18 -15.90
C GLN A 202 -6.16 -17.87 -16.45
N ASN A 203 -5.82 -16.75 -15.83
CA ASN A 203 -6.37 -15.44 -16.20
C ASN A 203 -5.31 -14.39 -15.94
N PRO A 204 -4.22 -14.42 -16.69
CA PRO A 204 -3.12 -13.46 -16.48
C PRO A 204 -3.45 -12.04 -16.92
N GLN A 205 -4.49 -11.86 -17.74
CA GLN A 205 -4.91 -10.55 -18.19
C GLN A 205 -6.20 -10.09 -17.52
N CYS A 206 -6.80 -10.94 -16.69
CA CYS A 206 -8.01 -10.57 -15.96
C CYS A 206 -7.71 -9.51 -14.92
N PRO A 207 -8.39 -8.35 -14.94
CA PRO A 207 -8.11 -7.30 -13.96
C PRO A 207 -8.84 -7.46 -12.63
N ILE A 208 -9.70 -8.47 -12.50
CA ILE A 208 -10.40 -8.72 -11.25
C ILE A 208 -9.47 -9.46 -10.29
N PHE A 209 -9.11 -8.81 -9.19
CA PHE A 209 -8.20 -9.40 -8.22
C PHE A 209 -8.93 -9.69 -6.91
N ARG A 210 -8.57 -10.81 -6.28
CA ARG A 210 -8.98 -11.13 -4.93
C ARG A 210 -7.80 -10.83 -3.99
N LEU A 211 -8.08 -10.13 -2.89
CA LEU A 211 -7.00 -9.68 -2.02
C LEU A 211 -6.26 -10.86 -1.39
N GLY A 212 -6.99 -11.90 -0.98
CA GLY A 212 -6.35 -13.08 -0.43
C GLY A 212 -5.41 -13.75 -1.41
N ASP A 213 -5.84 -13.87 -2.67
CA ASP A 213 -4.95 -14.39 -3.71
C ASP A 213 -3.69 -13.56 -3.80
N ILE A 214 -3.84 -12.23 -3.76
CA ILE A 214 -2.70 -11.31 -3.77
C ILE A 214 -1.75 -11.65 -2.64
N PHE A 215 -2.27 -11.84 -1.43
CA PHE A 215 -1.38 -12.11 -0.30
C PHE A 215 -0.76 -13.49 -0.39
N GLN A 216 -1.41 -14.44 -1.06
CA GLN A 216 -0.78 -15.75 -1.25
C GLN A 216 0.35 -15.68 -2.26
N GLU A 217 0.21 -14.84 -3.28
CA GLU A 217 1.28 -14.70 -4.27
C GLU A 217 2.59 -14.28 -3.62
N THR A 218 2.56 -13.22 -2.80
CA THR A 218 3.74 -12.78 -2.08
C THR A 218 4.07 -13.66 -0.88
N GLY A 219 3.21 -14.63 -0.56
CA GLY A 219 3.54 -15.60 0.47
C GLY A 219 3.36 -15.11 1.89
N ASP A 220 2.53 -14.10 2.11
CA ASP A 220 2.25 -13.58 3.44
C ASP A 220 0.78 -13.78 3.78
N SER A 221 0.53 -14.20 5.02
CA SER A 221 -0.83 -14.47 5.45
C SER A 221 -1.63 -13.17 5.49
N PHE A 222 -2.87 -13.22 4.99
CA PHE A 222 -3.69 -12.01 4.95
C PHE A 222 -4.13 -11.60 6.36
N SER A 223 -4.52 -12.56 7.19
CA SER A 223 -5.07 -12.24 8.51
C SER A 223 -4.05 -11.52 9.36
N ASP A 224 -2.81 -12.03 9.37
CA ASP A 224 -1.76 -11.44 10.20
C ASP A 224 -1.54 -9.97 9.86
N VAL A 225 -1.41 -9.65 8.57
CA VAL A 225 -1.28 -8.27 8.16
C VAL A 225 -2.55 -7.49 8.46
N ALA A 226 -3.70 -8.18 8.43
CA ALA A 226 -4.98 -7.51 8.62
C ALA A 226 -5.17 -7.07 10.07
N ILE A 227 -4.53 -7.75 11.02
CA ILE A 227 -4.68 -7.37 12.42
C ILE A 227 -4.12 -5.97 12.67
N GLN A 228 -2.87 -5.72 12.28
CA GLN A 228 -2.20 -4.46 12.60
C GLN A 228 -1.87 -3.61 11.38
N GLY A 229 -2.21 -4.06 10.17
CA GLY A 229 -2.05 -3.26 8.99
C GLY A 229 -0.75 -3.52 8.26
N GLY A 230 -0.72 -3.12 6.99
CA GLY A 230 0.47 -3.24 6.18
C GLY A 230 0.27 -2.52 4.87
N ILE A 231 1.34 -2.47 4.08
CA ILE A 231 1.33 -1.81 2.78
C ILE A 231 1.68 -2.85 1.73
N MET A 232 0.72 -3.15 0.85
CA MET A 232 0.90 -4.14 -0.21
C MET A 232 0.96 -3.39 -1.54
N GLY A 233 1.66 -3.96 -2.50
CA GLY A 233 1.87 -3.29 -3.77
C GLY A 233 1.58 -4.18 -4.96
N ILE A 234 0.92 -3.60 -5.96
CA ILE A 234 0.57 -4.31 -7.19
C ILE A 234 1.37 -3.68 -8.33
N GLU A 235 2.13 -4.51 -9.04
CA GLU A 235 2.98 -4.06 -10.13
C GLU A 235 2.38 -4.48 -11.46
N ILE A 236 2.39 -3.55 -12.42
CA ILE A 236 1.83 -3.75 -13.75
C ILE A 236 2.93 -3.43 -14.75
N TYR A 237 3.41 -4.44 -15.47
CA TYR A 237 4.49 -4.27 -16.43
C TYR A 237 3.92 -4.14 -17.84
N TRP A 238 4.53 -3.28 -18.66
CA TRP A 238 4.22 -3.21 -20.08
C TRP A 238 5.51 -3.26 -20.88
N ASP A 239 5.76 -4.39 -21.55
CA ASP A 239 6.80 -4.49 -22.56
C ASP A 239 6.09 -4.38 -23.91
N CYS A 240 6.10 -3.18 -24.47
CA CYS A 240 5.27 -2.84 -25.63
C CYS A 240 6.14 -2.60 -26.85
N ASN A 241 5.75 -3.20 -27.97
CA ASN A 241 6.48 -3.10 -29.23
C ASN A 241 5.56 -2.47 -30.28
N LEU A 242 5.90 -1.28 -30.72
CA LEU A 242 5.11 -0.54 -31.70
C LEU A 242 5.74 -0.60 -33.09
N ASP A 243 6.02 -1.80 -33.57
CA ASP A 243 6.61 -2.00 -34.89
C ASP A 243 5.59 -2.54 -35.89
N GLY A 244 4.97 -3.68 -35.59
CA GLY A 244 4.14 -4.37 -36.54
C GLY A 244 4.75 -5.70 -36.98
N TRP A 245 6.06 -5.69 -37.23
CA TRP A 245 6.78 -6.91 -37.55
C TRP A 245 6.89 -7.86 -36.36
N PHE A 246 6.56 -7.40 -35.16
CA PHE A 246 6.55 -8.23 -33.98
C PHE A 246 5.79 -7.51 -32.87
N HIS A 247 4.60 -7.02 -33.18
CA HIS A 247 3.87 -6.15 -32.27
C HIS A 247 3.28 -6.94 -31.10
N HIS A 248 3.36 -6.36 -29.90
CA HIS A 248 2.80 -6.91 -28.67
C HIS A 248 2.85 -5.84 -27.58
N CYS A 249 1.79 -5.73 -26.80
CA CYS A 249 1.70 -4.65 -25.81
C CYS A 249 0.59 -4.93 -24.80
N ARG A 250 0.89 -5.74 -23.79
CA ARG A 250 -0.05 -6.14 -22.76
C ARG A 250 0.67 -6.09 -21.42
N PRO A 251 -0.07 -6.09 -20.31
CA PRO A 251 0.57 -5.98 -19.00
C PRO A 251 0.88 -7.35 -18.39
N LYS A 252 1.83 -7.32 -17.45
CA LYS A 252 2.20 -8.47 -16.64
C LYS A 252 2.01 -8.08 -15.18
N TYR A 253 1.10 -8.76 -14.50
CA TYR A 253 0.78 -8.44 -13.12
C TYR A 253 1.70 -9.20 -12.19
N SER A 254 2.37 -8.48 -11.30
CA SER A 254 3.21 -9.11 -10.27
C SER A 254 2.87 -8.49 -8.93
N PHE A 255 3.22 -9.19 -7.85
CA PHE A 255 2.80 -8.80 -6.51
C PHE A 255 3.98 -8.84 -5.56
N ARG A 256 4.21 -7.72 -4.87
CA ARG A 256 5.30 -7.56 -3.91
C ARG A 256 4.73 -6.98 -2.61
N ARG A 257 5.21 -7.45 -1.47
CA ARG A 257 4.81 -6.90 -0.19
C ARG A 257 5.75 -5.76 0.16
N LEU A 258 5.20 -4.56 0.33
CA LEU A 258 6.05 -3.38 0.41
C LEU A 258 6.45 -3.07 1.84
N ASP A 259 5.58 -3.35 2.81
CA ASP A 259 5.85 -2.92 4.17
C ASP A 259 7.10 -3.61 4.72
N ASP A 260 7.71 -2.95 5.71
CA ASP A 260 9.00 -3.38 6.24
C ASP A 260 8.89 -4.60 7.15
N LYS A 261 7.80 -4.69 7.92
CA LYS A 261 7.61 -5.78 8.88
C LYS A 261 8.75 -5.81 9.90
N THR A 262 9.07 -4.64 10.45
CA THR A 262 10.13 -4.55 11.45
C THR A 262 9.71 -5.23 12.76
N THR A 263 8.48 -4.99 13.20
CA THR A 263 7.97 -5.43 14.50
C THR A 263 8.82 -4.85 15.65
N SER A 264 8.96 -3.53 15.66
CA SER A 264 9.60 -2.84 16.75
C SER A 264 8.77 -1.61 17.09
N GLU A 265 8.53 -1.39 18.39
CA GLU A 265 7.64 -0.29 18.80
C GLU A 265 8.18 1.06 18.35
N SER A 266 9.49 1.17 18.20
CA SER A 266 10.08 2.45 17.80
C SER A 266 9.81 2.78 16.34
N LEU A 267 9.55 1.77 15.50
CA LEU A 267 9.43 1.97 14.06
C LEU A 267 7.98 1.99 13.60
N TYR A 268 7.02 2.13 14.51
CA TYR A 268 5.60 2.22 14.22
C TYR A 268 5.18 1.19 13.18
N PRO A 269 5.27 -0.11 13.50
CA PRO A 269 5.06 -1.14 12.48
C PRO A 269 3.62 -1.22 12.04
N GLY A 270 3.42 -1.75 10.84
CA GLY A 270 2.10 -1.89 10.25
C GLY A 270 1.57 -0.57 9.73
N TYR A 271 0.32 -0.61 9.29
CA TYR A 271 -0.37 0.57 8.79
C TYR A 271 -1.52 0.91 9.73
N ASN A 272 -1.48 2.12 10.27
CA ASN A 272 -2.58 2.63 11.10
C ASN A 272 -2.53 4.15 11.05
N PHE A 273 -3.67 4.77 11.35
CA PHE A 273 -3.71 6.23 11.47
C PHE A 273 -4.87 6.62 12.36
N ARG A 274 -4.86 7.86 12.82
CA ARG A 274 -5.84 8.35 13.79
C ARG A 274 -6.85 9.25 13.09
N TYR A 275 -8.11 8.81 13.09
CA TYR A 275 -9.21 9.55 12.47
C TYR A 275 -10.06 10.17 13.56
N ALA A 276 -10.43 11.43 13.38
CA ALA A 276 -11.15 12.19 14.39
C ALA A 276 -12.52 12.58 13.87
N LYS A 277 -13.55 12.40 14.71
CA LYS A 277 -14.90 12.84 14.40
C LYS A 277 -15.38 13.74 15.54
N TYR A 278 -15.82 14.95 15.21
CA TYR A 278 -16.15 15.96 16.21
C TYR A 278 -17.66 16.11 16.34
N TYR A 279 -18.12 16.36 17.56
CA TYR A 279 -19.53 16.64 17.80
C TYR A 279 -19.65 17.52 19.05
N LYS A 280 -20.89 17.80 19.44
CA LYS A 280 -21.17 18.67 20.57
C LYS A 280 -22.30 18.09 21.40
N GLU A 281 -22.07 17.98 22.71
CA GLU A 281 -23.07 17.51 23.66
C GLU A 281 -23.15 18.49 24.81
N ASN A 282 -24.38 18.88 25.19
CA ASN A 282 -24.62 19.80 26.30
C ASN A 282 -23.76 21.06 26.16
N ASN A 283 -23.60 21.51 24.91
CA ASN A 283 -22.80 22.69 24.57
C ASN A 283 -21.35 22.50 25.02
N VAL A 284 -20.77 21.35 24.67
CA VAL A 284 -19.37 21.06 24.95
C VAL A 284 -18.73 20.50 23.70
N GLU A 285 -17.58 21.07 23.32
CA GLU A 285 -16.80 20.51 22.22
C GLU A 285 -16.34 19.11 22.59
N LYS A 286 -16.67 18.13 21.75
CA LYS A 286 -16.36 16.74 22.01
C LYS A 286 -15.87 16.05 20.74
N ARG A 287 -15.26 14.88 20.93
CA ARG A 287 -14.60 14.18 19.84
C ARG A 287 -14.60 12.69 20.11
N THR A 288 -14.86 11.90 19.08
CA THR A 288 -14.65 10.47 19.05
C THR A 288 -13.42 10.17 18.19
N LEU A 289 -12.46 9.46 18.76
CA LEU A 289 -11.20 9.12 18.11
C LEU A 289 -11.24 7.65 17.70
N ILE A 290 -10.86 7.38 16.45
CA ILE A 290 -10.85 6.03 15.91
C ILE A 290 -9.46 5.75 15.35
N LYS A 291 -8.79 4.75 15.92
CA LYS A 291 -7.55 4.25 15.37
C LYS A 291 -7.86 3.23 14.28
N VAL A 292 -7.44 3.54 13.05
CA VAL A 292 -7.74 2.76 11.87
C VAL A 292 -6.55 1.88 11.52
N PHE A 293 -6.81 0.58 11.37
CA PHE A 293 -5.84 -0.41 10.92
C PHE A 293 -6.33 -0.97 9.59
N GLY A 294 -5.42 -1.05 8.61
CA GLY A 294 -5.82 -1.63 7.34
C GLY A 294 -4.63 -1.78 6.43
N ILE A 295 -4.88 -2.34 5.25
CA ILE A 295 -3.85 -2.55 4.24
C ILE A 295 -4.00 -1.51 3.15
N ARG A 296 -2.93 -0.77 2.88
CA ARG A 296 -2.88 0.18 1.78
C ARG A 296 -2.27 -0.49 0.56
N PHE A 297 -2.96 -0.43 -0.57
CA PHE A 297 -2.47 -1.03 -1.81
C PHE A 297 -1.95 0.09 -2.72
N ASP A 298 -0.69 -0.03 -3.13
CA ASP A 298 -0.04 0.95 -4.00
C ASP A 298 0.14 0.34 -5.39
N ILE A 299 -0.48 0.97 -6.39
CA ILE A 299 -0.43 0.48 -7.76
C ILE A 299 0.74 1.17 -8.47
N LEU A 300 1.73 0.38 -8.86
CA LEU A 300 2.91 0.86 -9.57
C LEU A 300 2.86 0.33 -11.00
N VAL A 301 2.87 1.23 -11.96
CA VAL A 301 2.77 0.88 -13.37
C VAL A 301 4.00 1.41 -14.08
N PHE A 302 4.67 0.53 -14.84
CA PHE A 302 5.88 0.90 -15.55
C PHE A 302 5.85 0.23 -16.92
N GLY A 303 6.50 0.86 -17.89
CA GLY A 303 6.47 0.35 -19.24
C GLY A 303 7.51 1.02 -20.12
N THR A 304 7.80 0.35 -21.23
CA THR A 304 8.76 0.82 -22.23
C THR A 304 8.16 0.58 -23.60
N GLY A 305 8.08 1.64 -24.40
CA GLY A 305 7.53 1.52 -25.75
C GLY A 305 8.58 1.61 -26.84
N GLY A 306 8.77 0.53 -27.59
CA GLY A 306 9.79 0.47 -28.63
C GLY A 306 9.18 0.57 -29.99
N LYS A 307 9.78 1.40 -30.85
CA LYS A 307 9.35 1.58 -32.22
C LYS A 307 10.55 1.85 -33.11
N PHE A 308 10.64 1.13 -34.23
CA PHE A 308 11.82 1.18 -35.10
C PHE A 308 12.25 2.61 -35.38
N ASN A 309 13.55 2.87 -35.18
CA ASN A 309 14.13 4.20 -35.34
C ASN A 309 15.36 4.08 -36.23
N VAL A 310 15.41 4.90 -37.28
CA VAL A 310 16.50 4.80 -38.25
C VAL A 310 17.79 5.40 -37.70
N ILE A 311 17.68 6.50 -36.98
CA ILE A 311 18.87 7.15 -36.41
C ILE A 311 19.56 6.20 -35.42
N GLN A 312 18.77 5.45 -34.66
CA GLN A 312 19.34 4.50 -33.69
C GLN A 312 20.07 3.35 -34.39
N LEU A 313 19.49 2.83 -35.48
CA LEU A 313 20.19 1.84 -36.29
C LEU A 313 21.50 2.41 -36.82
N ALA A 314 21.49 3.68 -37.23
CA ALA A 314 22.70 4.34 -37.72
C ALA A 314 23.75 4.39 -36.62
N VAL A 315 23.37 4.82 -35.41
CA VAL A 315 24.34 4.86 -34.32
C VAL A 315 24.85 3.47 -33.99
N TYR A 316 23.98 2.46 -34.13
CA TYR A 316 24.31 1.14 -33.61
C TYR A 316 25.31 0.47 -34.52
N ILE A 317 24.97 0.36 -35.81
CA ILE A 317 26.00 -0.01 -36.76
C ILE A 317 27.21 0.94 -36.69
N GLY A 318 27.04 2.16 -36.16
CA GLY A 318 28.18 3.06 -36.01
C GLY A 318 29.22 2.51 -35.05
N SER A 319 28.78 2.15 -33.83
CA SER A 319 29.65 1.41 -32.93
C SER A 319 29.96 -0.02 -33.41
N VAL A 320 29.23 -0.55 -34.40
CA VAL A 320 29.43 -1.93 -34.83
C VAL A 320 30.59 -2.05 -35.82
N ILE A 321 30.70 -1.13 -36.77
CA ILE A 321 31.66 -1.29 -37.87
C ILE A 321 33.10 -1.24 -37.35
N SER A 322 33.39 -0.30 -36.45
CA SER A 322 34.73 -0.23 -35.86
C SER A 322 35.14 -1.56 -35.27
N TYR A 323 34.26 -2.16 -34.44
CA TYR A 323 34.47 -3.53 -34.01
C TYR A 323 34.69 -4.48 -35.18
N PHE A 324 33.91 -4.32 -36.24
CA PHE A 324 33.94 -5.27 -37.35
C PHE A 324 35.32 -5.35 -37.98
N GLY A 325 35.99 -4.20 -38.12
CA GLY A 325 37.36 -4.19 -38.61
C GLY A 325 38.40 -4.50 -37.55
N LEU A 326 38.16 -4.08 -36.30
CA LEU A 326 39.10 -4.39 -35.22
C LEU A 326 39.25 -5.89 -35.03
N ALA A 327 38.18 -6.64 -35.25
CA ALA A 327 38.25 -8.10 -35.24
C ALA A 327 39.13 -8.62 -36.37
N THR A 328 39.35 -7.81 -37.42
CA THR A 328 40.32 -8.17 -38.46
C THR A 328 41.73 -7.87 -38.01
N VAL A 329 41.94 -6.70 -37.41
CA VAL A 329 43.26 -6.36 -36.89
C VAL A 329 43.71 -7.33 -35.81
N PHE A 330 42.76 -7.91 -35.07
CA PHE A 330 43.11 -8.80 -33.95
C PHE A 330 43.73 -10.10 -34.44
N ILE A 331 43.07 -10.80 -35.36
CA ILE A 331 43.57 -12.09 -35.84
C ILE A 331 44.86 -11.92 -36.64
#